data_4J9T
#
_entry.id   4J9T
#
_cell.length_a   46.163
_cell.length_b   79.677
_cell.length_c   83.777
_cell.angle_alpha   90.00
_cell.angle_beta   90.00
_cell.angle_gamma   90.00
#
_symmetry.space_group_name_H-M   'P 21 21 21'
#
loop_
_entity.id
_entity.type
_entity.pdbx_description
1 polymer 'designed unnatural amino acid dependent metalloprotein'
2 non-polymer GLYCEROL
3 non-polymer ARSENIC
4 water water
#
_entity_poly.entity_id   1
_entity_poly.type   'polypeptide(L)'
_entity_poly.pdbx_seq_one_letter_code
;GEPLYTEQDLAVNGREGFPNYSHPALTVTPDGDLLASYDGRPTGIAAPGPNSILQRRSTDGGRTWGEQQVVSAGQTTAPI
KGFSHPSYLVDRETGTIFNFHVYSQRQGWEGSRPGTDPADPNVLHANVATSTDGGLTWSHRTITADITPDPGWRSRFAAS
GEGIQLRYGPHAGRLIQQYAIINAAGAIQAVSVYSDDHGRTWRAGEAVGVGMSHNKTVELSDGRVLLNSADSARSGYRKV
AVSTDGGHSYGPVTIDRDLPDPTNDASIIRAFPDAPAGSARAKVLLFSNAASQTSRSQGTIRMSCDDGQTWPVSKVFQPG
SMSYSTLTALPDGTYGLLYEPGTGIRYANFNLAWLGGICAPGS
;
_entity_poly.pdbx_strand_id   A
#
loop_
_chem_comp.id
_chem_comp.type
_chem_comp.name
_chem_comp.formula
ARS non-polymer ARSENIC As
GOL non-polymer GLYCEROL 'C3 H8 O3'
#
# COMPACT_ATOMS: atom_id res chain seq x y z
N GLU A 2 -12.31 22.19 -16.71
CA GLU A 2 -11.10 21.37 -16.58
C GLU A 2 -11.17 20.35 -15.44
N PRO A 3 -11.71 20.74 -14.27
CA PRO A 3 -11.73 19.78 -13.16
C PRO A 3 -12.38 18.47 -13.53
N LEU A 4 -11.77 17.39 -13.06
CA LEU A 4 -12.27 16.05 -13.27
C LEU A 4 -12.38 15.35 -11.93
N TYR A 5 -13.57 14.81 -11.63
CA TYR A 5 -13.70 13.89 -10.52
C TYR A 5 -14.80 12.89 -10.87
N THR A 6 -14.40 11.66 -11.16
CA THR A 6 -15.34 10.56 -11.44
C THR A 6 -15.14 9.52 -10.37
N GLU A 7 -16.16 8.67 -10.20
CA GLU A 7 -16.08 7.56 -9.27
C GLU A 7 -16.96 6.43 -9.72
N GLN A 8 -16.56 5.21 -9.40
CA GLN A 8 -17.41 4.05 -9.64
C GLN A 8 -16.97 2.96 -8.70
N ASP A 9 -17.92 2.18 -8.23
CA ASP A 9 -17.59 1.05 -7.38
C ASP A 9 -16.95 -0.05 -8.20
N LEU A 10 -15.90 -0.65 -7.65
CA LEU A 10 -15.32 -1.84 -8.26
C LEU A 10 -15.71 -3.11 -7.52
N ALA A 11 -16.03 -2.97 -6.24
CA ALA A 11 -16.47 -4.12 -5.47
C ALA A 11 -17.48 -3.60 -4.46
N VAL A 12 -18.62 -4.25 -4.40
CA VAL A 12 -19.64 -3.94 -3.42
C VAL A 12 -19.82 -5.12 -2.49
N ASN A 13 -19.70 -4.87 -1.19
CA ASN A 13 -19.84 -5.92 -0.20
C ASN A 13 -21.07 -6.74 -0.47
N GLY A 14 -20.88 -8.06 -0.57
CA GLY A 14 -21.99 -8.97 -0.77
C GLY A 14 -22.25 -9.34 -2.21
N ARG A 15 -21.63 -8.62 -3.14
CA ARG A 15 -21.80 -8.91 -4.56
C ARG A 15 -20.54 -9.55 -5.10
N GLU A 16 -20.72 -10.42 -6.08
CA GLU A 16 -19.62 -11.08 -6.80
C GLU A 16 -18.82 -12.04 -5.93
N GLY A 17 -19.44 -12.55 -4.86
CA GLY A 17 -18.93 -13.74 -4.21
C GLY A 17 -18.35 -13.57 -2.83
N PHE A 18 -18.26 -12.33 -2.35
CA PHE A 18 -17.68 -12.08 -1.02
C PHE A 18 -18.53 -11.10 -0.25
N PRO A 19 -18.82 -11.42 1.01
CA PRO A 19 -19.55 -10.49 1.87
C PRO A 19 -18.81 -9.18 2.10
N ASN A 20 -17.48 -9.22 2.09
CA ASN A 20 -16.72 -8.01 2.38
C ASN A 20 -15.47 -7.88 1.54
N TYR A 21 -15.24 -6.67 1.04
CA TYR A 21 -14.05 -6.36 0.29
C TYR A 21 -13.31 -5.23 0.98
N SER A 22 -12.00 -5.34 1.04
CA SER A 22 -11.23 -4.32 1.75
C SER A 22 -9.80 -4.28 1.28
N HIS A 23 -9.13 -3.19 1.64
CA HIS A 23 -7.67 -3.04 1.52
C HIS A 23 -7.21 -2.87 0.08
N PRO A 24 -7.46 -1.68 -0.45
CA PRO A 24 -7.22 -1.43 -1.87
C PRO A 24 -5.75 -1.31 -2.23
N ALA A 25 -5.44 -1.79 -3.43
CA ALA A 25 -4.14 -1.64 -4.05
C ALA A 25 -4.42 -1.25 -5.49
N LEU A 26 -3.69 -0.30 -6.01
CA LEU A 26 -3.96 0.20 -7.35
C LEU A 26 -2.64 0.45 -8.04
N THR A 27 -2.57 0.13 -9.32
CA THR A 27 -1.38 0.45 -10.08
C THR A 27 -1.71 0.54 -11.55
N VAL A 28 -0.74 1.00 -12.32
CA VAL A 28 -0.82 1.03 -13.77
C VAL A 28 0.26 0.09 -14.27
N THR A 29 -0.10 -0.85 -15.14
CA THR A 29 0.88 -1.78 -15.67
C THR A 29 1.75 -1.06 -16.68
N PRO A 30 2.90 -1.65 -17.02
CA PRO A 30 3.74 -1.06 -18.06
C PRO A 30 3.01 -0.86 -19.38
N ASP A 31 2.06 -1.74 -19.70
CA ASP A 31 1.33 -1.58 -20.95
C ASP A 31 0.25 -0.50 -20.86
N GLY A 32 -0.06 -0.06 -19.65
CA GLY A 32 -1.00 1.03 -19.47
C GLY A 32 -2.36 0.64 -18.90
N ASP A 33 -2.52 -0.63 -18.54
CA ASP A 33 -3.77 -1.07 -17.93
C ASP A 33 -3.77 -0.59 -16.49
N LEU A 34 -4.95 -0.38 -15.92
CA LEU A 34 -5.06 -0.17 -14.49
C LEU A 34 -5.39 -1.50 -13.85
N LEU A 35 -4.74 -1.79 -12.72
CA LEU A 35 -5.09 -2.95 -11.93
C LEU A 35 -5.55 -2.48 -10.58
N ALA A 36 -6.71 -2.97 -10.18
CA ALA A 36 -7.23 -2.72 -8.85
C ALA A 36 -7.26 -4.03 -8.11
N SER A 37 -6.68 -4.06 -6.94
CA SER A 37 -6.66 -5.27 -6.15
C SER A 37 -7.17 -4.96 -4.75
N TYR A 38 -7.68 -5.98 -4.08
CA TYR A 38 -8.25 -5.82 -2.75
C TYR A 38 -8.47 -7.23 -2.29
N ASP A 39 -8.81 -7.40 -1.02
CA ASP A 39 -9.09 -8.74 -0.57
C ASP A 39 -10.58 -8.95 -0.36
N GLY A 40 -10.99 -10.19 -0.54
CA GLY A 40 -12.38 -10.55 -0.32
C GLY A 40 -12.41 -11.50 0.84
N ARG A 41 -13.29 -11.22 1.79
CA ARG A 41 -13.46 -12.07 2.94
C ARG A 41 -14.71 -12.87 2.72
N PRO A 42 -14.54 -14.17 2.45
CA PRO A 42 -15.71 -14.96 2.06
C PRO A 42 -16.63 -15.14 3.24
N THR A 43 -17.87 -15.51 2.96
CA THR A 43 -18.83 -15.70 4.02
C THR A 43 -18.29 -16.68 5.05
N GLY A 44 -18.34 -16.29 6.33
CA GLY A 44 -17.85 -17.13 7.40
C GLY A 44 -17.40 -16.34 8.60
N ILE A 45 -17.13 -17.04 9.70
CA ILE A 45 -16.78 -16.39 10.96
C ILE A 45 -15.32 -16.63 11.36
N ALA A 46 -14.57 -17.32 10.52
CA ALA A 46 -13.17 -17.62 10.82
C ALA A 46 -12.33 -16.34 10.85
N ALA A 47 -11.35 -16.29 11.75
CA ALA A 47 -10.47 -15.12 11.86
C ALA A 47 -9.07 -15.48 12.39
N PRO A 48 -8.02 -15.20 11.60
CA PRO A 48 -8.09 -14.55 10.30
C PRO A 48 -8.80 -15.43 9.28
N GLY A 49 -9.65 -14.84 8.45
CA GLY A 49 -10.48 -15.60 7.54
C GLY A 49 -9.71 -16.08 6.34
N PRO A 50 -10.29 -17.02 5.58
CA PRO A 50 -9.66 -17.54 4.37
C PRO A 50 -9.88 -16.57 3.24
N ASN A 51 -9.32 -15.37 3.38
CA ASN A 51 -9.51 -14.32 2.40
C ASN A 51 -8.81 -14.63 1.09
N SER A 52 -9.25 -13.98 0.03
CA SER A 52 -8.58 -14.08 -1.27
C SER A 52 -8.12 -12.71 -1.71
N ILE A 53 -7.04 -12.68 -2.47
CA ILE A 53 -6.63 -11.45 -3.15
C ILE A 53 -7.27 -11.46 -4.51
N LEU A 54 -7.97 -10.36 -4.84
CA LEU A 54 -8.72 -10.25 -6.07
C LEU A 54 -8.12 -9.14 -6.91
N GLN A 55 -8.45 -9.15 -8.18
CA GLN A 55 -7.96 -8.13 -9.10
C GLN A 55 -8.99 -7.84 -10.17
N ARG A 56 -9.13 -6.57 -10.52
CA ARG A 56 -9.87 -6.18 -11.71
C ARG A 56 -8.99 -5.30 -12.57
N ARG A 57 -9.14 -5.45 -13.88
CA ARG A 57 -8.29 -4.75 -14.83
C ARG A 57 -9.12 -3.79 -15.67
N SER A 58 -8.58 -2.59 -15.90
CA SER A 58 -9.15 -1.70 -16.88
C SER A 58 -8.18 -1.48 -18.01
N THR A 59 -8.63 -1.69 -19.23
CA THR A 59 -7.78 -1.46 -20.39
C THR A 59 -8.14 -0.16 -21.09
N ASP A 60 -9.07 0.61 -20.51
CA ASP A 60 -9.47 1.86 -21.13
C ASP A 60 -9.28 3.04 -20.18
N GLY A 61 -8.20 2.98 -19.41
CA GLY A 61 -7.80 4.11 -18.57
C GLY A 61 -8.65 4.30 -17.34
N GLY A 62 -9.39 3.28 -16.95
CA GLY A 62 -10.18 3.33 -15.74
C GLY A 62 -11.67 3.52 -15.96
N ARG A 63 -12.08 3.65 -17.21
CA ARG A 63 -13.49 3.86 -17.52
C ARG A 63 -14.30 2.60 -17.25
N THR A 64 -13.81 1.46 -17.73
CA THR A 64 -14.52 0.21 -17.52
C THR A 64 -13.57 -0.85 -16.99
N TRP A 65 -14.13 -1.84 -16.33
CA TRP A 65 -13.33 -2.81 -15.61
C TRP A 65 -13.79 -4.23 -15.90
N GLY A 66 -12.83 -5.11 -16.08
CA GLY A 66 -13.10 -6.49 -16.40
C GLY A 66 -13.52 -7.31 -15.20
N GLU A 67 -13.61 -8.62 -15.40
CA GLU A 67 -14.11 -9.49 -14.36
C GLU A 67 -13.17 -9.58 -13.18
N GLN A 68 -13.75 -9.73 -12.02
CA GLN A 68 -12.98 -9.94 -10.80
C GLN A 68 -12.26 -11.28 -10.89
N GLN A 69 -10.94 -11.24 -10.78
CA GLN A 69 -10.11 -12.43 -10.87
C GLN A 69 -9.45 -12.69 -9.54
N VAL A 70 -9.07 -13.95 -9.31
CA VAL A 70 -8.40 -14.32 -8.08
C VAL A 70 -6.90 -14.40 -8.26
N VAL A 71 -6.17 -13.54 -7.56
CA VAL A 71 -4.71 -13.59 -7.56
C VAL A 71 -4.23 -14.69 -6.61
N SER A 72 -4.73 -14.66 -5.38
CA SER A 72 -4.42 -15.70 -4.40
C SER A 72 -5.70 -16.17 -3.77
N ALA A 73 -5.96 -17.47 -3.87
CA ALA A 73 -7.22 -18.03 -3.41
C ALA A 73 -7.10 -18.53 -1.99
N GLY A 74 -7.95 -18.01 -1.11
CA GLY A 74 -8.00 -18.50 0.25
C GLY A 74 -8.40 -19.95 0.25
N GLN A 75 -7.99 -20.68 1.28
CA GLN A 75 -8.42 -22.06 1.46
C GLN A 75 -9.44 -22.05 2.59
N THR A 76 -10.68 -22.40 2.25
CA THR A 76 -11.79 -22.27 3.18
C THR A 76 -12.03 -23.54 3.99
N THR A 77 -11.34 -24.61 3.62
CA THR A 77 -11.39 -25.86 4.37
C THR A 77 -10.12 -25.97 5.20
N ALA A 78 -10.19 -26.60 6.37
CA ALA A 78 -8.98 -26.84 7.15
C ALA A 78 -8.01 -27.69 6.34
N PRO A 79 -6.72 -27.32 6.34
CA PRO A 79 -6.09 -26.19 7.04
C PRO A 79 -6.37 -24.86 6.34
N ILE A 80 -7.02 -23.95 7.08
CA ILE A 80 -7.41 -22.66 6.54
C ILE A 80 -6.22 -21.80 6.11
N LYS A 81 -6.38 -21.12 4.97
CA LYS A 81 -5.37 -20.19 4.50
C LYS A 81 -6.06 -18.94 4.00
N GLY A 82 -5.50 -17.79 4.35
CA GLY A 82 -6.06 -16.54 3.89
C GLY A 82 -4.99 -15.68 3.27
N PHE A 83 -5.42 -14.84 2.34
CA PHE A 83 -4.54 -13.90 1.68
C PHE A 83 -5.25 -12.56 1.68
N SER A 84 -4.57 -11.54 2.20
CA SER A 84 -5.22 -10.25 2.37
C SER A 84 -4.22 -9.11 2.26
N HIS A 85 -4.76 -7.90 2.19
CA HIS A 85 -3.95 -6.68 2.24
C HIS A 85 -2.96 -6.60 1.10
N PRO A 86 -3.45 -6.51 -0.14
CA PRO A 86 -2.51 -6.47 -1.26
C PRO A 86 -1.80 -5.14 -1.38
N SER A 87 -0.57 -5.19 -1.87
CA SER A 87 0.10 -3.99 -2.31
C SER A 87 0.77 -4.30 -3.64
N TYR A 88 0.48 -3.47 -4.64
CA TYR A 88 1.14 -3.62 -5.92
C TYR A 88 2.48 -2.93 -5.91
N LEU A 89 3.40 -3.44 -6.70
CA LEU A 89 4.66 -2.76 -6.90
C LEU A 89 5.10 -3.12 -8.31
N VAL A 90 5.23 -2.11 -9.17
CA VAL A 90 5.66 -2.36 -10.53
C VAL A 90 7.12 -2.01 -10.70
N ASP A 91 7.89 -2.95 -11.23
CA ASP A 91 9.24 -2.64 -11.65
C ASP A 91 9.13 -2.11 -13.08
N ARG A 92 9.30 -0.81 -13.23
CA ARG A 92 9.10 -0.18 -14.52
C ARG A 92 10.31 -0.36 -15.42
N GLU A 93 11.40 -0.86 -14.84
CA GLU A 93 12.58 -1.15 -15.64
C GLU A 93 12.43 -2.50 -16.34
N THR A 94 11.86 -3.48 -15.65
CA THR A 94 11.77 -4.82 -16.21
C THR A 94 10.36 -5.16 -16.67
N GLY A 95 9.37 -4.44 -16.13
CA GLY A 95 7.99 -4.66 -16.49
C GLY A 95 7.29 -5.65 -15.58
N THR A 96 8.01 -6.19 -14.60
CA THR A 96 7.43 -7.15 -13.67
C THR A 96 6.52 -6.45 -12.68
N ILE A 97 5.45 -7.15 -12.30
CA ILE A 97 4.50 -6.61 -11.34
C ILE A 97 4.47 -7.52 -10.13
N PHE A 98 4.50 -6.92 -8.95
CA PHE A 98 4.42 -7.68 -7.71
C PHE A 98 3.13 -7.32 -7.01
N ASN A 99 2.57 -8.30 -6.30
CA ASN A 99 1.45 -8.07 -5.43
C ASN A 99 1.81 -8.71 -4.10
N PHE A 100 2.16 -7.88 -3.12
CA PHE A 100 2.49 -8.35 -1.79
C PHE A 100 1.22 -8.55 -1.04
N HIS A 101 1.16 -9.58 -0.21
CA HIS A 101 0.01 -9.74 0.64
C HIS A 101 0.30 -10.66 1.79
N VAL A 102 -0.54 -10.57 2.80
CA VAL A 102 -0.53 -11.45 3.94
C VAL A 102 -0.83 -12.86 3.50
N TYR A 103 -0.17 -13.82 4.12
CA TYR A 103 -0.54 -15.21 4.04
C TYR A 103 -0.80 -15.66 5.45
N SER A 104 -2.08 -15.85 5.78
CA SER A 104 -2.45 -16.21 7.13
C SER A 104 -2.87 -17.66 7.18
N GLN A 105 -2.71 -18.24 8.36
CA GLN A 105 -3.20 -19.58 8.62
C GLN A 105 -3.98 -19.52 9.92
N ARG A 106 -3.34 -19.83 11.04
CA ARG A 106 -4.03 -19.85 12.32
C ARG A 106 -4.02 -18.51 13.04
N GLN A 107 -3.04 -17.67 12.76
CA GLN A 107 -2.86 -16.44 13.53
C GLN A 107 -2.88 -15.19 12.67
N GLY A 108 -3.49 -14.14 13.21
CA GLY A 108 -3.44 -12.84 12.56
C GLY A 108 -2.30 -12.01 13.10
N TRP A 109 -2.42 -10.71 12.90
CA TRP A 109 -1.41 -9.74 13.32
C TRP A 109 -0.98 -9.90 14.77
N GLU A 110 -1.95 -9.88 15.69
CA GLU A 110 -1.65 -9.96 17.11
C GLU A 110 -1.18 -11.34 17.54
N GLY A 111 -1.73 -12.37 16.91
CA GLY A 111 -1.49 -13.74 17.35
C GLY A 111 -0.23 -14.35 16.79
N SER A 112 0.34 -13.73 15.77
CA SER A 112 1.52 -14.28 15.13
C SER A 112 2.63 -14.40 16.15
N ARG A 113 3.44 -15.45 16.02
CA ARG A 113 4.59 -15.55 16.91
C ARG A 113 5.84 -15.64 16.07
N PRO A 114 7.01 -15.51 16.72
CA PRO A 114 8.25 -15.57 15.98
C PRO A 114 8.39 -16.87 15.19
N GLY A 115 9.05 -16.76 14.06
CA GLY A 115 9.25 -17.90 13.19
C GLY A 115 9.09 -17.47 11.76
N THR A 116 9.77 -18.18 10.87
CA THR A 116 9.70 -17.80 9.46
C THR A 116 9.42 -18.99 8.56
N ASP A 117 9.16 -20.15 9.15
CA ASP A 117 8.89 -21.34 8.34
C ASP A 117 7.49 -21.23 7.76
N PRO A 118 7.37 -21.23 6.41
CA PRO A 118 6.04 -21.14 5.81
C PRO A 118 5.09 -22.24 6.30
N ALA A 119 5.64 -23.39 6.71
CA ALA A 119 4.81 -24.50 7.15
C ALA A 119 4.23 -24.27 8.53
N ASP A 120 4.71 -23.24 9.22
CA ASP A 120 4.29 -22.95 10.58
C ASP A 120 3.01 -22.13 10.53
N PRO A 121 1.89 -22.72 10.96
CA PRO A 121 0.60 -22.03 10.81
C PRO A 121 0.38 -20.96 11.88
N ASN A 122 1.30 -20.84 12.81
CA ASN A 122 1.15 -19.84 13.86
C ASN A 122 1.91 -18.57 13.57
N VAL A 123 2.45 -18.49 12.35
CA VAL A 123 3.15 -17.29 11.90
C VAL A 123 2.26 -16.58 10.90
N LEU A 124 2.17 -15.26 11.01
CA LEU A 124 1.55 -14.46 9.96
C LEU A 124 2.61 -14.24 8.91
N HIS A 125 2.45 -14.88 7.77
CA HIS A 125 3.48 -14.85 6.74
C HIS A 125 3.36 -13.72 5.77
N ALA A 126 4.48 -13.36 5.18
CA ALA A 126 4.56 -12.34 4.15
C ALA A 126 4.73 -13.04 2.82
N ASN A 127 3.77 -12.87 1.93
CA ASN A 127 3.87 -13.41 0.60
C ASN A 127 4.03 -12.32 -0.43
N VAL A 128 4.54 -12.68 -1.59
CA VAL A 128 4.50 -11.82 -2.74
C VAL A 128 4.22 -12.66 -3.96
N ALA A 129 3.30 -12.18 -4.79
CA ALA A 129 3.01 -12.79 -6.08
C ALA A 129 3.70 -11.95 -7.14
N THR A 130 4.26 -12.63 -8.14
CA THR A 130 5.03 -11.97 -9.17
C THR A 130 4.41 -12.29 -10.52
N SER A 131 4.23 -11.27 -11.33
CA SER A 131 3.68 -11.48 -12.65
C SER A 131 4.56 -10.83 -13.67
N THR A 132 4.92 -11.59 -14.70
CA THR A 132 5.69 -11.07 -15.80
C THR A 132 4.84 -10.88 -17.05
N ASP A 133 3.53 -11.08 -16.92
CA ASP A 133 2.62 -10.90 -18.06
C ASP A 133 1.54 -9.85 -17.80
N GLY A 134 1.91 -8.77 -17.12
CA GLY A 134 1.01 -7.66 -16.92
C GLY A 134 -0.09 -7.97 -15.91
N GLY A 135 0.13 -8.93 -15.04
CA GLY A 135 -0.84 -9.26 -14.01
C GLY A 135 -1.85 -10.30 -14.44
N LEU A 136 -1.63 -10.95 -15.57
CA LEU A 136 -2.54 -12.00 -16.00
C LEU A 136 -2.37 -13.25 -15.16
N THR A 137 -1.12 -13.64 -14.94
CA THR A 137 -0.83 -14.82 -14.14
C THR A 137 0.29 -14.53 -13.15
N TRP A 138 0.36 -15.36 -12.12
CA TRP A 138 1.19 -15.07 -10.98
C TRP A 138 1.97 -16.29 -10.52
N SER A 139 3.19 -16.05 -10.07
CA SER A 139 3.93 -17.02 -9.31
C SER A 139 3.99 -16.49 -7.88
N HIS A 140 4.15 -17.38 -6.92
CA HIS A 140 4.01 -17.01 -5.53
C HIS A 140 5.23 -17.37 -4.72
N ARG A 141 5.50 -16.53 -3.72
CA ARG A 141 6.59 -16.77 -2.80
C ARG A 141 6.17 -16.38 -1.42
N THR A 142 6.53 -17.20 -0.44
CA THR A 142 6.55 -16.74 0.92
C THR A 142 7.94 -16.21 1.19
N ILE A 143 8.03 -14.97 1.65
CA ILE A 143 9.32 -14.32 1.80
C ILE A 143 9.62 -13.93 3.24
N THR A 144 8.80 -14.42 4.17
CA THR A 144 9.00 -14.06 5.57
C THR A 144 10.44 -14.23 6.02
N ALA A 145 11.05 -15.37 5.72
CA ALA A 145 12.42 -15.60 6.14
C ALA A 145 13.37 -14.54 5.59
N ASP A 146 13.12 -14.08 4.38
CA ASP A 146 14.01 -13.12 3.72
C ASP A 146 13.94 -11.73 4.33
N ILE A 147 12.82 -11.43 4.98
CA ILE A 147 12.56 -10.08 5.46
C ILE A 147 12.45 -10.01 6.97
N THR A 148 12.99 -11.03 7.63
CA THR A 148 12.97 -11.09 9.08
C THR A 148 14.40 -11.25 9.62
N PRO A 149 15.17 -10.16 9.62
CA PRO A 149 16.57 -10.23 10.02
C PRO A 149 16.75 -10.40 11.53
N ASP A 150 15.68 -10.16 12.28
CA ASP A 150 15.70 -10.34 13.72
C ASP A 150 14.64 -11.38 14.04
N PRO A 151 15.06 -12.54 14.57
CA PRO A 151 14.10 -13.62 14.79
C PRO A 151 13.09 -13.25 15.86
N GLY A 152 13.34 -12.16 16.56
CA GLY A 152 12.42 -11.66 17.57
C GLY A 152 11.21 -10.98 16.98
N TRP A 153 11.28 -10.62 15.70
CA TRP A 153 10.13 -10.00 15.04
C TRP A 153 9.01 -11.03 15.01
N ARG A 154 7.89 -10.67 15.60
CA ARG A 154 6.80 -11.60 15.87
C ARG A 154 5.77 -11.65 14.75
N SER A 155 5.70 -10.58 13.98
CA SER A 155 4.59 -10.42 13.06
C SER A 155 4.96 -9.37 12.04
N ARG A 156 4.34 -9.43 10.87
CA ARG A 156 4.53 -8.40 9.87
C ARG A 156 3.41 -8.43 8.88
N PHE A 157 3.19 -7.30 8.22
CA PHE A 157 2.39 -7.29 7.01
C PHE A 157 2.83 -6.13 6.13
N ALA A 158 2.77 -6.37 4.83
CA ALA A 158 3.01 -5.33 3.85
C ALA A 158 1.84 -4.37 3.93
N ALA A 159 2.13 -3.08 3.99
CA ALA A 159 1.06 -2.09 4.02
C ALA A 159 0.35 -2.14 2.68
N SER A 160 -0.96 -2.40 2.70
CA SER A 160 -1.72 -2.48 1.46
C SER A 160 -1.71 -1.14 0.74
N GLY A 161 -1.73 -1.20 -0.58
CA GLY A 161 -1.66 0.01 -1.37
C GLY A 161 -0.72 -0.21 -2.55
N GLU A 162 0.31 0.61 -2.63
CA GLU A 162 1.26 0.51 -3.72
C GLU A 162 2.64 0.94 -3.30
N GLY A 163 3.62 0.10 -3.60
CA GLY A 163 5.02 0.41 -3.36
C GLY A 163 5.63 1.15 -4.52
N ILE A 164 6.94 1.34 -4.47
CA ILE A 164 7.61 2.25 -5.39
C ILE A 164 8.88 1.65 -5.94
N GLN A 165 9.35 2.23 -7.04
CA GLN A 165 10.67 1.96 -7.53
C GLN A 165 11.45 3.27 -7.54
N LEU A 166 12.64 3.27 -6.94
CA LEU A 166 13.46 4.48 -6.96
C LEU A 166 13.91 4.81 -8.38
N ARG A 167 13.87 6.09 -8.70
CA ARG A 167 14.35 6.56 -10.01
C ARG A 167 15.71 7.23 -9.91
N TYR A 168 16.09 7.67 -8.70
CA TYR A 168 17.29 8.48 -8.54
C TYR A 168 18.38 7.80 -7.76
N GLY A 169 19.60 8.30 -7.94
CA GLY A 169 20.68 7.97 -7.04
C GLY A 169 21.31 6.61 -7.25
N PRO A 170 22.21 6.23 -6.35
CA PRO A 170 22.95 4.98 -6.48
C PRO A 170 22.05 3.76 -6.40
N HIS A 171 20.87 3.89 -5.81
CA HIS A 171 19.98 2.74 -5.70
C HIS A 171 18.82 2.81 -6.68
N ALA A 172 18.95 3.66 -7.70
CA ALA A 172 17.92 3.74 -8.73
C ALA A 172 17.57 2.33 -9.20
N GLY A 173 16.27 2.06 -9.31
CA GLY A 173 15.80 0.75 -9.70
C GLY A 173 15.34 -0.09 -8.52
N ARG A 174 15.74 0.33 -7.32
CA ARG A 174 15.34 -0.39 -6.11
C ARG A 174 13.82 -0.39 -5.97
N LEU A 175 13.28 -1.57 -5.65
CA LEU A 175 11.85 -1.71 -5.38
C LEU A 175 11.66 -1.64 -3.88
N ILE A 176 10.70 -0.83 -3.42
CA ILE A 176 10.50 -0.66 -1.99
C ILE A 176 9.03 -0.85 -1.63
N GLN A 177 8.80 -1.79 -0.72
CA GLN A 177 7.47 -2.07 -0.19
C GLN A 177 7.50 -1.89 1.32
N GLN A 178 6.58 -1.09 1.86
CA GLN A 178 6.58 -0.90 3.30
C GLN A 178 5.90 -2.03 4.04
N TYR A 179 6.45 -2.34 5.19
CA TYR A 179 5.85 -3.27 6.14
C TYR A 179 5.68 -2.61 7.48
N ALA A 180 4.74 -3.15 8.24
CA ALA A 180 4.68 -2.92 9.66
C ALA A 180 5.07 -4.22 10.32
N ILE A 181 5.78 -4.13 11.44
CA ILE A 181 6.17 -5.32 12.17
C ILE A 181 5.85 -5.15 13.64
N ILE A 182 5.73 -6.27 14.34
CA ILE A 182 5.76 -6.26 15.79
C ILE A 182 7.12 -6.80 16.16
N ASN A 183 7.92 -6.00 16.85
CA ASN A 183 9.27 -6.41 17.18
C ASN A 183 9.28 -7.22 18.47
N ALA A 184 10.48 -7.60 18.92
CA ALA A 184 10.60 -8.46 20.08
C ALA A 184 9.99 -7.81 21.32
N ALA A 185 10.18 -6.50 21.46
CA ALA A 185 9.69 -5.79 22.63
C ALA A 185 8.20 -5.46 22.54
N GLY A 186 7.54 -5.92 21.48
CA GLY A 186 6.12 -5.70 21.32
C GLY A 186 5.75 -4.39 20.67
N ALA A 187 6.75 -3.64 20.23
CA ALA A 187 6.52 -2.37 19.58
C ALA A 187 6.12 -2.60 18.13
N ILE A 188 5.27 -1.71 17.62
CA ILE A 188 4.98 -1.73 16.21
C ILE A 188 5.94 -0.77 15.52
N GLN A 189 6.71 -1.29 14.58
CA GLN A 189 7.65 -0.48 13.84
C GLN A 189 7.34 -0.53 12.38
N ALA A 190 7.91 0.42 11.65
CA ALA A 190 7.82 0.44 10.20
C ALA A 190 9.14 -0.04 9.66
N VAL A 191 9.12 -0.74 8.54
CA VAL A 191 10.37 -1.12 7.92
C VAL A 191 10.15 -1.23 6.42
N SER A 192 11.13 -0.76 5.66
CA SER A 192 11.10 -0.95 4.22
C SER A 192 11.65 -2.31 3.88
N VAL A 193 10.95 -3.00 3.00
CA VAL A 193 11.45 -4.22 2.39
C VAL A 193 11.77 -3.87 0.96
N TYR A 194 12.95 -4.26 0.51
CA TYR A 194 13.36 -3.78 -0.80
C TYR A 194 14.16 -4.80 -1.57
N SER A 195 14.28 -4.55 -2.87
CA SER A 195 15.01 -5.43 -3.75
C SER A 195 15.85 -4.57 -4.67
N ASP A 196 17.12 -4.94 -4.81
CA ASP A 196 18.00 -4.28 -5.74
C ASP A 196 18.28 -5.14 -6.96
N ASP A 197 17.55 -6.25 -7.08
CA ASP A 197 17.71 -7.13 -8.23
C ASP A 197 16.38 -7.44 -8.87
N HIS A 198 15.51 -6.44 -8.89
CA HIS A 198 14.30 -6.50 -9.68
C HIS A 198 13.35 -7.58 -9.17
N GLY A 199 13.38 -7.78 -7.87
CA GLY A 199 12.43 -8.64 -7.21
C GLY A 199 12.89 -10.07 -7.06
N ARG A 200 14.09 -10.38 -7.53
CA ARG A 200 14.60 -11.73 -7.36
C ARG A 200 14.81 -12.01 -5.88
N THR A 201 15.35 -11.02 -5.18
CA THR A 201 15.53 -11.17 -3.74
C THR A 201 15.04 -9.93 -3.02
N TRP A 202 14.49 -10.15 -1.84
CA TRP A 202 13.95 -9.10 -1.00
C TRP A 202 14.64 -9.16 0.35
N ARG A 203 14.83 -8.01 0.96
CA ARG A 203 15.33 -7.96 2.32
C ARG A 203 14.64 -6.85 3.06
N ALA A 204 14.73 -6.89 4.38
CA ALA A 204 14.27 -5.79 5.20
C ALA A 204 15.42 -4.84 5.45
N GLY A 205 15.09 -3.57 5.58
CA GLY A 205 16.05 -2.59 6.04
C GLY A 205 16.02 -2.54 7.55
N GLU A 206 16.40 -1.38 8.09
CA GLU A 206 16.36 -1.14 9.52
C GLU A 206 14.99 -0.68 9.91
N ALA A 207 14.38 -1.37 10.86
CA ALA A 207 13.06 -0.98 11.34
C ALA A 207 13.17 0.34 12.08
N VAL A 208 12.09 1.11 12.07
CA VAL A 208 12.14 2.43 12.68
C VAL A 208 10.87 2.73 13.43
N GLY A 209 11.04 3.45 14.53
CA GLY A 209 9.94 4.04 15.23
C GLY A 209 9.36 3.17 16.31
N VAL A 210 8.38 3.74 16.99
CA VAL A 210 7.57 3.03 17.95
C VAL A 210 6.17 3.57 17.71
N GLY A 211 5.14 2.81 18.04
CA GLY A 211 3.78 3.24 17.80
C GLY A 211 3.53 3.48 16.32
N MET A 212 4.14 2.67 15.48
CA MET A 212 3.97 2.80 14.04
C MET A 212 2.77 1.96 13.62
N SER A 213 2.60 1.77 12.32
CA SER A 213 1.47 1.03 11.82
C SER A 213 1.74 0.82 10.34
N HIS A 214 0.72 0.52 9.57
CA HIS A 214 0.89 0.58 8.13
C HIS A 214 1.47 1.95 7.78
N ASN A 215 2.26 1.97 6.72
CA ASN A 215 3.01 3.14 6.39
C ASN A 215 3.39 3.03 4.93
N LYS A 216 3.77 4.15 4.34
CA LYS A 216 4.04 4.22 2.91
C LYS A 216 5.30 5.02 2.70
N THR A 217 5.95 4.79 1.55
CA THR A 217 7.12 5.58 1.21
C THR A 217 6.99 6.18 -0.16
N VAL A 218 7.74 7.24 -0.36
CA VAL A 218 7.74 7.95 -1.62
C VAL A 218 9.13 8.56 -1.78
N GLU A 219 9.59 8.61 -3.02
CA GLU A 219 10.89 9.17 -3.34
C GLU A 219 10.77 10.66 -3.59
N LEU A 220 11.49 11.45 -2.80
CA LEU A 220 11.44 12.90 -2.93
C LEU A 220 12.31 13.39 -4.09
N SER A 221 12.26 14.68 -4.36
CA SER A 221 12.92 15.25 -5.53
C SER A 221 14.43 15.11 -5.48
N ASP A 222 14.97 14.90 -4.28
CA ASP A 222 16.41 14.77 -4.09
C ASP A 222 16.80 13.33 -3.81
N GLY A 223 15.86 12.41 -3.97
CA GLY A 223 16.16 11.01 -3.77
C GLY A 223 15.99 10.53 -2.35
N ARG A 224 15.76 11.44 -1.41
CA ARG A 224 15.43 11.00 -0.06
C ARG A 224 14.14 10.20 -0.14
N VAL A 225 13.98 9.26 0.79
CA VAL A 225 12.76 8.47 0.81
C VAL A 225 12.00 8.87 2.05
N LEU A 226 10.79 9.37 1.82
CA LEU A 226 9.93 9.83 2.89
C LEU A 226 9.00 8.70 3.29
N LEU A 227 9.01 8.38 4.58
CA LEU A 227 8.15 7.37 5.15
C LEU A 227 7.02 8.07 5.90
N ASN A 228 5.80 7.60 5.67
CA ASN A 228 4.62 8.25 6.21
C ASN A 228 3.71 7.17 6.77
N SER A 229 3.54 7.17 8.08
CA SER A 229 2.95 6.07 8.81
C SER A 229 1.72 6.50 9.58
N ALA A 230 0.78 5.57 9.74
CA ALA A 230 -0.25 5.78 10.75
C ALA A 230 0.41 5.67 12.11
N ASP A 231 -0.22 6.26 13.10
CA ASP A 231 0.32 6.28 14.44
C ASP A 231 -0.53 5.40 15.34
N SER A 232 -0.03 4.23 15.70
CA SER A 232 -0.80 3.34 16.57
C SER A 232 -0.88 3.84 18.00
N ALA A 233 -0.09 4.88 18.30
CA ALA A 233 -0.20 5.55 19.60
C ALA A 233 -1.24 6.67 19.55
N ARG A 234 -1.85 6.85 18.39
CA ARG A 234 -3.05 7.67 18.23
C ARG A 234 -2.86 9.15 18.55
N SER A 235 -1.79 9.73 18.02
CA SER A 235 -1.54 11.15 18.24
C SER A 235 -2.59 12.04 17.60
N GLY A 236 -3.29 11.52 16.59
CA GLY A 236 -4.16 12.34 15.78
C GLY A 236 -3.51 12.79 14.48
N TYR A 237 -2.29 12.33 14.24
CA TYR A 237 -1.53 12.71 13.05
C TYR A 237 -0.79 11.53 12.48
N ARG A 238 -0.38 11.67 11.22
CA ARG A 238 0.59 10.76 10.64
C ARG A 238 1.94 10.94 11.31
N LYS A 239 2.73 9.88 11.27
CA LYS A 239 4.12 9.94 11.67
C LYS A 239 4.98 9.92 10.43
N VAL A 240 6.09 10.64 10.47
CA VAL A 240 6.95 10.72 9.31
C VAL A 240 8.41 10.52 9.69
N ALA A 241 9.18 9.97 8.75
CA ALA A 241 10.62 9.88 8.90
C ALA A 241 11.20 9.89 7.52
N VAL A 242 12.48 10.17 7.41
CA VAL A 242 13.10 10.31 6.10
C VAL A 242 14.38 9.52 6.04
N SER A 243 14.62 8.91 4.88
CA SER A 243 15.81 8.12 4.65
C SER A 243 16.68 8.81 3.64
N THR A 244 18.00 8.79 3.88
CA THR A 244 18.94 9.31 2.91
C THR A 244 19.75 8.19 2.26
N ASP A 245 19.35 6.95 2.51
CA ASP A 245 20.06 5.81 1.95
C ASP A 245 19.13 4.89 1.15
N GLY A 246 18.18 5.49 0.46
CA GLY A 246 17.34 4.75 -0.45
C GLY A 246 16.32 3.86 0.24
N GLY A 247 15.94 4.23 1.45
CA GLY A 247 14.89 3.51 2.16
C GLY A 247 15.40 2.42 3.09
N HIS A 248 16.71 2.22 3.13
CA HIS A 248 17.23 1.20 4.03
C HIS A 248 17.00 1.58 5.48
N SER A 249 17.34 2.81 5.84
CA SER A 249 17.14 3.25 7.21
C SER A 249 16.62 4.68 7.24
N TYR A 250 15.97 5.01 8.35
CA TYR A 250 15.27 6.29 8.49
C TYR A 250 15.81 7.07 9.68
N GLY A 251 15.66 8.38 9.61
CA GLY A 251 15.97 9.22 10.74
C GLY A 251 14.86 9.16 11.78
N PRO A 252 14.84 10.14 12.68
CA PRO A 252 13.84 10.16 13.76
C PRO A 252 12.42 10.25 13.20
N VAL A 253 11.49 9.65 13.92
CA VAL A 253 10.09 9.69 13.56
C VAL A 253 9.44 10.81 14.34
N THR A 254 8.68 11.66 13.64
CA THR A 254 7.96 12.72 14.31
C THR A 254 6.52 12.74 13.84
N ILE A 255 5.63 13.32 14.64
CA ILE A 255 4.28 13.48 14.15
C ILE A 255 4.22 14.67 13.20
N ASP A 256 3.43 14.53 12.16
CA ASP A 256 3.30 15.56 11.16
C ASP A 256 1.96 16.25 11.33
N ARG A 257 2.01 17.44 11.94
CA ARG A 257 0.83 18.21 12.25
C ARG A 257 0.04 18.64 11.02
N ASP A 258 0.67 18.60 9.84
CA ASP A 258 -0.06 18.95 8.62
C ASP A 258 -0.98 17.83 8.17
N LEU A 259 -0.80 16.65 8.76
CA LEU A 259 -1.51 15.48 8.27
C LEU A 259 -2.32 14.82 9.38
N PRO A 260 -3.44 15.45 9.75
CA PRO A 260 -4.30 14.81 10.75
C PRO A 260 -4.79 13.46 10.24
N ASP A 261 -4.99 12.54 11.16
CA ASP A 261 -5.24 11.15 10.81
C ASP A 261 -5.80 10.45 12.03
N PRO A 262 -6.84 9.63 11.85
CA PRO A 262 -7.48 8.96 12.99
C PRO A 262 -6.88 7.60 13.29
N THR A 263 -5.66 7.37 12.81
CA THR A 263 -5.00 6.07 12.85
C THR A 263 -5.68 5.14 11.86
N ASN A 264 -5.28 5.28 10.61
CA ASN A 264 -5.95 4.69 9.49
C ASN A 264 -4.96 4.76 8.33
N ASP A 265 -5.20 4.00 7.27
CA ASP A 265 -4.25 3.97 6.17
C ASP A 265 -4.26 5.31 5.44
N ALA A 266 -3.20 5.53 4.66
CA ALA A 266 -3.11 6.71 3.81
C ALA A 266 -2.24 6.31 2.65
N SER A 267 -2.21 7.14 1.63
CA SER A 267 -1.23 6.91 0.59
C SER A 267 -0.54 8.23 0.27
N ILE A 268 0.68 8.14 -0.22
CA ILE A 268 1.42 9.32 -0.58
C ILE A 268 2.22 8.99 -1.82
N ILE A 269 2.07 9.81 -2.86
CA ILE A 269 2.72 9.54 -4.12
C ILE A 269 3.32 10.78 -4.74
N ARG A 270 4.26 10.55 -5.64
CA ARG A 270 4.73 11.59 -6.51
C ARG A 270 3.67 11.90 -7.55
N ALA A 271 3.32 13.17 -7.66
CA ALA A 271 2.37 13.60 -8.68
C ALA A 271 2.99 13.43 -10.07
N PHE A 272 4.31 13.51 -10.15
CA PHE A 272 5.03 13.42 -11.41
C PHE A 272 6.18 12.46 -11.21
N PRO A 273 5.87 11.16 -11.22
CA PRO A 273 6.84 10.14 -10.82
C PRO A 273 8.03 10.04 -11.75
N ASP A 274 7.89 10.56 -12.97
CA ASP A 274 8.97 10.47 -13.95
C ASP A 274 9.74 11.77 -14.08
N ALA A 275 9.41 12.75 -13.25
CA ALA A 275 10.08 14.04 -13.33
C ALA A 275 11.55 13.90 -12.95
N PRO A 276 12.43 14.66 -13.62
CA PRO A 276 13.85 14.53 -13.31
C PRO A 276 14.21 15.06 -11.92
N ALA A 277 15.28 14.51 -11.38
CA ALA A 277 15.77 14.87 -10.05
C ALA A 277 15.84 16.37 -9.86
N GLY A 278 15.32 16.84 -8.74
CA GLY A 278 15.48 18.24 -8.33
C GLY A 278 14.55 19.20 -9.03
N SER A 279 13.81 18.72 -10.01
CA SER A 279 12.91 19.57 -10.78
C SER A 279 11.70 19.98 -9.93
N ALA A 280 11.07 21.08 -10.31
CA ALA A 280 9.88 21.54 -9.59
C ALA A 280 8.84 20.43 -9.54
N ARG A 281 8.62 19.77 -10.67
CA ARG A 281 7.58 18.75 -10.70
C ARG A 281 7.93 17.55 -9.82
N ALA A 282 9.22 17.28 -9.65
CA ALA A 282 9.68 16.17 -8.81
C ALA A 282 9.42 16.44 -7.33
N LYS A 283 9.06 17.67 -6.99
CA LYS A 283 8.79 18.02 -5.59
C LYS A 283 7.32 17.88 -5.22
N VAL A 284 6.49 17.52 -6.19
CA VAL A 284 5.06 17.53 -5.96
C VAL A 284 4.57 16.17 -5.47
N LEU A 285 3.90 16.19 -4.33
CA LEU A 285 3.34 15.00 -3.74
C LEU A 285 1.85 15.13 -3.60
N LEU A 286 1.17 13.99 -3.71
CA LEU A 286 -0.25 13.89 -3.39
C LEU A 286 -0.41 12.92 -2.25
N PHE A 287 -1.35 13.21 -1.37
CA PHE A 287 -1.56 12.43 -0.17
C PHE A 287 -3.05 12.20 -0.02
N SER A 288 -3.43 10.97 0.28
CA SER A 288 -4.84 10.67 0.54
C SER A 288 -4.98 10.02 1.90
N ASN A 289 -5.97 10.46 2.66
CA ASN A 289 -6.27 9.82 3.92
C ASN A 289 -7.61 10.32 4.44
N ALA A 290 -7.98 9.82 5.62
CA ALA A 290 -9.12 10.34 6.35
C ALA A 290 -8.62 11.51 7.17
N ALA A 291 -9.15 12.70 6.91
CA ALA A 291 -8.67 13.91 7.57
C ALA A 291 -9.26 14.06 8.97
N SER A 292 -10.34 13.34 9.25
CA SER A 292 -10.93 13.39 10.57
C SER A 292 -9.96 12.78 11.57
N GLN A 293 -9.86 13.38 12.75
CA GLN A 293 -8.98 12.83 13.77
C GLN A 293 -9.74 11.88 14.68
N THR A 294 -11.05 11.77 14.48
CA THR A 294 -11.89 11.02 15.40
C THR A 294 -12.56 9.81 14.78
N SER A 295 -12.59 9.76 13.46
CA SER A 295 -13.17 8.62 12.78
C SER A 295 -12.62 8.50 11.38
N ARG A 296 -12.88 7.37 10.74
CA ARG A 296 -12.42 7.16 9.38
C ARG A 296 -13.41 7.79 8.43
N SER A 297 -13.26 9.09 8.24
CA SER A 297 -14.16 9.86 7.42
C SER A 297 -13.46 11.11 6.92
N GLN A 298 -14.15 11.84 6.06
CA GLN A 298 -13.60 13.08 5.53
C GLN A 298 -12.36 12.78 4.72
N GLY A 299 -12.50 11.86 3.77
CA GLY A 299 -11.40 11.52 2.88
C GLY A 299 -10.97 12.76 2.15
N THR A 300 -9.66 13.02 2.20
CA THR A 300 -9.11 14.25 1.68
C THR A 300 -7.89 13.96 0.84
N ILE A 301 -7.72 14.73 -0.23
CA ILE A 301 -6.47 14.73 -0.99
C ILE A 301 -5.73 15.98 -0.63
N ARG A 302 -4.45 15.85 -0.34
CA ARG A 302 -3.61 17.02 -0.12
C ARG A 302 -2.50 17.02 -1.13
N MET A 303 -2.03 18.21 -1.49
CA MET A 303 -0.91 18.34 -2.39
C MET A 303 0.19 19.18 -1.76
N SER A 304 1.41 18.71 -1.93
CA SER A 304 2.59 19.46 -1.54
C SER A 304 3.40 19.75 -2.78
N CYS A 305 3.97 20.95 -2.85
CA CYS A 305 4.86 21.25 -3.96
C CYS A 305 6.31 21.43 -3.49
N ASP A 306 6.59 20.99 -2.26
CA ASP A 306 7.94 21.12 -1.70
C ASP A 306 8.37 19.87 -0.95
N ASP A 307 8.18 18.72 -1.58
CA ASP A 307 8.67 17.47 -1.04
C ASP A 307 8.03 17.12 0.31
N GLY A 308 6.81 17.60 0.53
CA GLY A 308 6.07 17.25 1.71
C GLY A 308 6.33 18.13 2.92
N GLN A 309 7.06 19.21 2.72
CA GLN A 309 7.27 20.14 3.82
C GLN A 309 6.00 20.92 4.14
N THR A 310 5.28 21.31 3.10
CA THR A 310 4.06 22.10 3.24
C THR A 310 2.96 21.45 2.39
N TRP A 311 1.73 21.56 2.86
CA TRP A 311 0.59 21.00 2.13
C TRP A 311 -0.46 22.09 1.91
N PRO A 312 -0.18 22.98 0.95
CA PRO A 312 -0.99 24.20 0.78
C PRO A 312 -2.32 23.97 0.08
N VAL A 313 -2.53 22.78 -0.47
CA VAL A 313 -3.74 22.49 -1.20
C VAL A 313 -4.36 21.24 -0.66
N SER A 314 -5.66 21.28 -0.39
CA SER A 314 -6.35 20.09 0.05
C SER A 314 -7.80 20.19 -0.35
N LYS A 315 -8.42 19.04 -0.55
CA LYS A 315 -9.82 18.99 -0.91
C LYS A 315 -10.42 17.66 -0.49
N VAL A 316 -11.61 17.71 0.07
CA VAL A 316 -12.32 16.51 0.47
C VAL A 316 -12.82 15.77 -0.76
N PHE A 317 -12.52 14.48 -0.85
CA PHE A 317 -13.08 13.67 -1.92
C PHE A 317 -14.22 12.79 -1.44
N GLN A 318 -14.28 12.56 -0.13
CA GLN A 318 -15.34 11.73 0.43
C GLN A 318 -15.72 12.25 1.82
N PRO A 319 -16.78 13.05 1.88
CA PRO A 319 -17.23 13.63 3.14
C PRO A 319 -17.59 12.56 4.16
N GLY A 320 -18.09 11.42 3.70
CA GLY A 320 -18.57 10.41 4.62
C GLY A 320 -17.48 9.44 5.05
N SER A 321 -17.89 8.21 5.29
CA SER A 321 -16.99 7.14 5.64
C SER A 321 -15.88 7.00 4.59
N MET A 322 -14.65 6.90 5.06
CA MET A 322 -13.54 6.74 4.16
C MET A 322 -12.42 6.14 4.95
N SER A 323 -12.15 4.86 4.68
CA SER A 323 -11.12 4.16 5.44
C SER A 323 -9.82 4.12 4.63
N TYR A 324 -9.47 2.96 4.06
CA TYR A 324 -8.21 2.90 3.34
C TYR A 324 -8.33 3.53 1.96
N SER A 325 -7.22 4.09 1.48
CA SER A 325 -7.21 4.71 0.16
C SER A 325 -5.82 4.60 -0.42
N THR A 326 -5.76 4.50 -1.74
CA THR A 326 -4.47 4.44 -2.39
C THR A 326 -4.50 5.17 -3.73
N LEU A 327 -3.49 6.02 -3.94
CA LEU A 327 -3.37 6.83 -5.13
C LEU A 327 -2.39 6.22 -6.12
N THR A 328 -2.64 6.44 -7.39
CA THR A 328 -1.64 6.13 -8.39
C THR A 328 -1.71 7.15 -9.52
N ALA A 329 -0.56 7.42 -10.12
CA ALA A 329 -0.49 8.35 -11.24
C ALA A 329 -0.82 7.63 -12.54
N LEU A 330 -1.78 8.17 -13.29
CA LEU A 330 -2.17 7.57 -14.55
C LEU A 330 -1.40 8.18 -15.70
N PRO A 331 -1.23 7.42 -16.79
CA PRO A 331 -0.49 7.95 -17.93
C PRO A 331 -1.05 9.26 -18.46
N ASP A 332 -2.35 9.47 -18.36
CA ASP A 332 -2.93 10.68 -18.96
C ASP A 332 -2.76 11.92 -18.10
N GLY A 333 -2.02 11.81 -17.01
CA GLY A 333 -1.75 12.96 -16.18
C GLY A 333 -2.75 13.14 -15.06
N THR A 334 -3.77 12.29 -15.03
CA THR A 334 -4.72 12.31 -13.93
C THR A 334 -4.33 11.27 -12.87
N TYR A 335 -5.15 11.15 -11.83
CA TYR A 335 -4.82 10.29 -10.71
C TYR A 335 -5.94 9.33 -10.40
N GLY A 336 -5.56 8.07 -10.16
CA GLY A 336 -6.51 7.08 -9.74
C GLY A 336 -6.48 7.00 -8.23
N LEU A 337 -7.63 6.71 -7.65
CA LEU A 337 -7.78 6.69 -6.22
C LEU A 337 -8.70 5.54 -5.87
N LEU A 338 -8.14 4.52 -5.24
CA LEU A 338 -8.94 3.35 -4.92
C LEU A 338 -9.13 3.35 -3.41
N TYR A 339 -10.38 3.32 -2.97
CA TYR A 339 -10.64 3.54 -1.55
C TYR A 339 -11.85 2.82 -1.02
N GLU A 340 -12.00 2.88 0.30
CA GLU A 340 -13.06 2.18 1.01
C GLU A 340 -14.11 3.15 1.50
N PRO A 341 -15.26 3.20 0.83
CA PRO A 341 -16.33 4.10 1.28
C PRO A 341 -17.24 3.45 2.32
N GLY A 342 -16.94 2.22 2.70
CA GLY A 342 -17.73 1.49 3.68
C GLY A 342 -18.52 0.36 3.02
N THR A 343 -18.74 0.51 1.72
CA THR A 343 -19.53 -0.44 0.95
C THR A 343 -18.68 -1.40 0.12
N GLY A 344 -17.38 -1.32 0.26
CA GLY A 344 -16.47 -2.16 -0.51
C GLY A 344 -15.30 -1.34 -1.03
N ILE A 345 -15.08 -1.41 -2.34
CA ILE A 345 -13.95 -0.75 -2.97
C ILE A 345 -14.44 0.14 -4.09
N ARG A 346 -14.06 1.40 -4.03
CA ARG A 346 -14.49 2.39 -4.99
C ARG A 346 -13.30 3.00 -5.69
N TYR A 347 -13.43 3.19 -7.00
CA TYR A 347 -12.38 3.78 -7.80
C TYR A 347 -12.75 5.19 -8.24
N ALA A 348 -11.90 6.15 -7.90
CA ALA A 348 -12.11 7.53 -8.33
C ALA A 348 -10.97 7.96 -9.22
N ASN A 349 -11.24 8.95 -10.07
CA ASN A 349 -10.24 9.50 -10.95
C ASN A 349 -10.40 11.00 -10.87
N PHE A 350 -9.32 11.70 -10.55
CA PHE A 350 -9.38 13.14 -10.45
C PHE A 350 -8.15 13.73 -11.08
N ASN A 351 -8.22 15.02 -11.38
CA ASN A 351 -7.06 15.72 -11.88
C ASN A 351 -6.65 16.86 -10.96
N LEU A 352 -5.52 17.47 -11.24
CA LEU A 352 -5.06 18.56 -10.38
C LEU A 352 -6.00 19.75 -10.43
N ALA A 353 -6.67 19.96 -11.57
CA ALA A 353 -7.62 21.06 -11.69
C ALA A 353 -8.72 20.90 -10.65
N TRP A 354 -9.16 19.68 -10.43
CA TRP A 354 -10.19 19.43 -9.43
C TRP A 354 -9.69 19.85 -8.04
N LEU A 355 -8.41 19.64 -7.78
CA LEU A 355 -7.83 19.99 -6.50
C LEU A 355 -7.87 21.49 -6.25
N GLY A 356 -7.66 22.25 -7.31
CA GLY A 356 -7.63 23.70 -7.20
C GLY A 356 -6.42 24.19 -6.44
C1 GOL B . 21.74 1.07 1.66
O1 GOL B . 20.64 1.41 0.85
C2 GOL B . 21.70 -0.43 1.89
O2 GOL B . 21.73 -1.11 0.65
C3 GOL B . 22.92 -0.84 2.70
O3 GOL B . 24.09 -0.61 1.93
AS ARS C . 1.21 22.62 -4.12
#